data_6ZVO
#
_entry.id   6ZVO
#
_cell.length_a   56.057
_cell.length_b   53.501
_cell.length_c   70.912
_cell.angle_alpha   90
_cell.angle_beta   98.36
_cell.angle_gamma   90
#
_symmetry.space_group_name_H-M   'P 1 21 1'
#
loop_
_entity.id
_entity.type
_entity.pdbx_description
1 polymer 'Mixed lineage kinase domain-like protein'
2 non-polymer 'CHLORIDE ION'
3 non-polymer 'BROMIDE ION'
4 water water
#
_entity_poly.entity_id   1
_entity_poly.type   'polypeptide(L)'
_entity_poly.pdbx_seq_one_letter_code
;GSPGENLKHIITLGQVIHKRCEEMKYCKKQCRRLGHRVLGLIKPLEMLQDQGKRSVPSEKLTTAMNRFKAALEEANGEIE
KFSNRSNICRFLTASQDKILFKDVNRKLSDVWKELSLLLQVEQRMPVSPISQGASWAQEDQQDADEDRRAFQM
;
_entity_poly.pdbx_strand_id   A,B,C
#
loop_
_chem_comp.id
_chem_comp.type
_chem_comp.name
_chem_comp.formula
BR non-polymer 'BROMIDE ION' 'Br -1'
CL non-polymer 'CHLORIDE ION' 'Cl -1'
#
# COMPACT_ATOMS: atom_id res chain seq x y z
N PRO A 3 34.90 0.81 16.72
CA PRO A 3 33.99 1.83 16.21
C PRO A 3 32.99 1.28 15.18
N GLY A 4 33.45 0.35 14.35
CA GLY A 4 32.61 -0.31 13.35
C GLY A 4 31.56 -1.19 14.00
N GLU A 5 31.93 -1.84 15.12
CA GLU A 5 31.03 -2.69 15.90
C GLU A 5 30.01 -1.80 16.63
N ASN A 6 30.44 -0.66 17.17
CA ASN A 6 29.56 0.28 17.88
C ASN A 6 28.47 0.78 16.89
N LEU A 7 28.89 1.15 15.67
CA LEU A 7 27.96 1.62 14.65
C LEU A 7 26.95 0.55 14.26
N LYS A 8 27.42 -0.67 14.05
CA LYS A 8 26.54 -1.79 13.69
C LYS A 8 25.52 -2.07 14.80
N HIS A 9 25.97 -1.96 16.06
CA HIS A 9 25.09 -2.18 17.21
C HIS A 9 23.98 -1.13 17.21
N ILE A 10 24.34 0.15 17.06
CA ILE A 10 23.37 1.26 17.01
C ILE A 10 22.35 1.03 15.91
N ILE A 11 22.81 0.63 14.71
CA ILE A 11 21.89 0.39 13.61
C ILE A 11 20.93 -0.74 13.91
N THR A 12 21.45 -1.86 14.43
CA THR A 12 20.60 -2.99 14.78
C THR A 12 19.59 -2.62 15.86
N LEU A 13 20.05 -1.89 16.88
CA LEU A 13 19.19 -1.47 17.97
C LEU A 13 18.06 -0.55 17.46
N GLY A 14 18.37 0.39 16.56
CA GLY A 14 17.34 1.24 15.99
C GLY A 14 16.33 0.45 15.17
N GLN A 15 16.83 -0.57 14.40
CA GLN A 15 15.91 -1.39 13.60
C GLN A 15 14.97 -2.20 14.50
N VAL A 16 15.52 -2.74 15.61
CA VAL A 16 14.70 -3.51 16.53
C VAL A 16 13.64 -2.61 17.21
N ILE A 17 14.03 -1.42 17.64
CA ILE A 17 13.10 -0.46 18.25
C ILE A 17 11.97 -0.13 17.28
N HIS A 18 12.29 0.14 16.00
CA HIS A 18 11.23 0.45 15.04
C HIS A 18 10.26 -0.73 14.87
N LYS A 19 10.79 -1.96 14.73
CA LYS A 19 9.93 -3.12 14.58
C LYS A 19 9.05 -3.33 15.83
N ARG A 20 9.62 -3.18 17.02
CA ARG A 20 8.85 -3.31 18.26
C ARG A 20 7.79 -2.25 18.37
N CYS A 21 8.12 -1.00 17.99
CA CYS A 21 7.13 0.07 18.04
C CYS A 21 5.93 -0.22 17.17
N GLU A 22 6.19 -0.79 15.97
CA GLU A 22 5.10 -1.11 15.03
C GLU A 22 4.14 -2.18 15.57
N GLU A 23 4.63 -3.04 16.48
N GLU A 23 4.64 -3.07 16.45
CA GLU A 23 3.86 -4.13 17.10
CA GLU A 23 3.81 -4.13 17.03
C GLU A 23 3.06 -3.67 18.34
C GLU A 23 3.22 -3.77 18.40
N MET A 24 3.47 -2.59 19.03
N MET A 24 3.37 -2.52 18.86
CA MET A 24 2.81 -2.14 20.26
CA MET A 24 2.78 -2.11 20.14
C MET A 24 1.31 -1.93 20.06
C MET A 24 1.26 -2.04 19.96
N LYS A 25 0.52 -2.52 20.96
CA LYS A 25 -0.94 -2.54 20.89
C LYS A 25 -1.66 -1.33 21.44
N TYR A 26 -1.02 -0.58 22.34
CA TYR A 26 -1.67 0.54 22.99
C TYR A 26 -0.85 1.81 22.83
N CYS A 27 -1.50 2.99 22.86
CA CYS A 27 -0.85 4.29 22.64
C CYS A 27 -0.04 4.28 21.34
N LYS A 28 -0.68 3.76 20.28
CA LYS A 28 -0.03 3.57 19.01
C LYS A 28 0.53 4.83 18.38
N LYS A 29 -0.09 6.02 18.55
CA LYS A 29 0.45 7.24 17.91
C LYS A 29 1.84 7.53 18.45
N GLN A 30 2.00 7.46 19.77
CA GLN A 30 3.29 7.74 20.39
C GLN A 30 4.31 6.67 20.10
N CYS A 31 3.88 5.40 20.12
CA CYS A 31 4.83 4.31 19.85
C CYS A 31 5.31 4.38 18.40
N ARG A 32 4.38 4.56 17.46
CA ARG A 32 4.76 4.64 16.06
C ARG A 32 5.61 5.86 15.78
N ARG A 33 5.36 6.98 16.49
CA ARG A 33 6.17 8.19 16.28
C ARG A 33 7.62 7.91 16.71
N LEU A 34 7.78 7.23 17.86
CA LEU A 34 9.13 6.90 18.33
C LEU A 34 9.85 6.01 17.30
N GLY A 35 9.17 4.99 16.80
CA GLY A 35 9.79 4.07 15.84
C GLY A 35 10.18 4.78 14.55
N HIS A 36 9.26 5.67 14.07
CA HIS A 36 9.50 6.47 12.83
C HIS A 36 10.73 7.38 13.03
N ARG A 37 10.79 8.06 14.18
CA ARG A 37 11.91 8.95 14.47
C ARG A 37 13.22 8.17 14.54
N VAL A 38 13.23 7.01 15.23
CA VAL A 38 14.45 6.21 15.35
C VAL A 38 14.95 5.68 14.00
N LEU A 39 14.02 5.21 13.18
CA LEU A 39 14.39 4.73 11.84
C LEU A 39 15.01 5.87 11.01
N GLY A 40 14.49 7.09 11.19
CA GLY A 40 14.99 8.25 10.48
C GLY A 40 16.41 8.59 10.91
N LEU A 41 16.73 8.42 12.20
CA LEU A 41 18.08 8.75 12.68
C LEU A 41 19.08 7.73 12.21
N ILE A 42 18.67 6.45 12.19
CA ILE A 42 19.64 5.43 11.78
C ILE A 42 19.86 5.42 10.28
N LYS A 43 18.93 5.99 9.47
CA LYS A 43 19.10 5.94 8.01
C LYS A 43 20.47 6.51 7.54
N PRO A 44 20.89 7.74 7.93
CA PRO A 44 22.22 8.21 7.51
C PRO A 44 23.38 7.38 8.08
N LEU A 45 23.18 6.74 9.25
CA LEU A 45 24.21 5.90 9.84
C LEU A 45 24.39 4.65 9.00
N GLU A 46 23.27 4.09 8.49
CA GLU A 46 23.30 2.92 7.61
C GLU A 46 24.04 3.28 6.34
N MET A 47 23.80 4.50 5.78
CA MET A 47 24.51 4.93 4.58
C MET A 47 26.00 5.07 4.87
N LEU A 48 26.36 5.58 6.07
CA LEU A 48 27.78 5.75 6.46
C LEU A 48 28.45 4.40 6.56
N GLN A 49 27.77 3.42 7.19
CA GLN A 49 28.26 2.06 7.40
C GLN A 49 28.66 1.37 6.07
N ASP A 50 27.93 1.67 4.98
CA ASP A 50 28.19 1.13 3.65
C ASP A 50 29.43 1.75 2.97
N GLN A 51 30.36 2.32 3.74
CA GLN A 51 31.58 2.89 3.15
C GLN A 51 32.85 2.31 3.80
N SER A 55 37.07 7.11 9.44
CA SER A 55 38.11 7.88 10.15
C SER A 55 38.16 7.61 11.68
N VAL A 56 39.31 7.86 12.31
CA VAL A 56 39.44 7.66 13.75
C VAL A 56 38.63 8.73 14.46
N PRO A 57 37.67 8.31 15.29
CA PRO A 57 36.82 9.30 15.95
C PRO A 57 37.50 10.16 16.99
N SER A 58 37.06 11.40 17.06
CA SER A 58 37.52 12.30 18.11
C SER A 58 36.94 11.82 19.46
N GLU A 59 37.46 12.38 20.57
CA GLU A 59 36.93 12.09 21.90
C GLU A 59 35.45 12.47 21.98
N LYS A 60 35.11 13.63 21.41
CA LYS A 60 33.74 14.12 21.37
C LYS A 60 32.83 13.20 20.55
N LEU A 61 33.31 12.63 19.45
CA LEU A 61 32.49 11.72 18.64
C LEU A 61 32.22 10.42 19.37
N THR A 62 33.26 9.85 20.01
CA THR A 62 33.06 8.61 20.76
C THR A 62 32.05 8.77 21.89
N THR A 63 32.15 9.87 22.66
CA THR A 63 31.19 10.05 23.76
C THR A 63 29.78 10.29 23.18
N ALA A 64 29.64 11.05 22.05
CA ALA A 64 28.32 11.29 21.40
C ALA A 64 27.70 9.96 20.95
N MET A 65 28.52 9.08 20.36
CA MET A 65 28.08 7.77 19.90
C MET A 65 27.62 6.89 21.06
N ASN A 66 28.32 6.97 22.18
CA ASN A 66 27.94 6.18 23.34
C ASN A 66 26.71 6.71 23.99
N ARG A 67 26.54 8.06 24.02
CA ARG A 67 25.32 8.66 24.58
C ARG A 67 24.12 8.27 23.70
N PHE A 68 24.32 8.20 22.37
CA PHE A 68 23.24 7.85 21.46
C PHE A 68 22.83 6.40 21.67
N LYS A 69 23.81 5.50 21.77
CA LYS A 69 23.56 4.09 22.05
C LYS A 69 22.77 3.95 23.39
N ALA A 70 23.20 4.68 24.43
CA ALA A 70 22.51 4.61 25.72
C ALA A 70 21.08 5.13 25.65
N ALA A 71 20.86 6.20 24.89
CA ALA A 71 19.49 6.74 24.74
C ALA A 71 18.61 5.72 24.00
N LEU A 72 19.16 5.05 22.96
CA LEU A 72 18.37 4.03 22.26
C LEU A 72 18.08 2.85 23.21
N GLU A 73 19.07 2.45 24.06
CA GLU A 73 18.82 1.37 25.02
C GLU A 73 17.74 1.75 26.02
N GLU A 74 17.73 3.03 26.43
CA GLU A 74 16.72 3.52 27.34
C GLU A 74 15.35 3.46 26.63
N ALA A 75 15.29 3.87 25.35
CA ALA A 75 14.02 3.78 24.60
C ALA A 75 13.54 2.32 24.50
N ASN A 76 14.47 1.39 24.26
CA ASN A 76 14.12 -0.04 24.18
C ASN A 76 13.55 -0.56 25.51
N GLY A 77 14.11 -0.09 26.61
CA GLY A 77 13.58 -0.44 27.94
C GLY A 77 12.18 0.09 28.19
N GLU A 78 11.91 1.31 27.71
CA GLU A 78 10.58 1.91 27.87
C GLU A 78 9.55 1.21 26.97
N ILE A 79 9.96 0.79 25.77
CA ILE A 79 9.07 0.05 24.88
C ILE A 79 8.69 -1.29 25.52
N GLU A 80 9.65 -1.94 26.18
CA GLU A 80 9.36 -3.20 26.87
C GLU A 80 8.32 -2.96 27.97
N LYS A 81 8.53 -1.95 28.81
N LYS A 81 8.54 -1.94 28.81
CA LYS A 81 7.61 -1.64 29.91
CA LYS A 81 7.64 -1.60 29.91
C LYS A 81 6.22 -1.33 29.39
C LYS A 81 6.23 -1.29 29.40
N PHE A 82 6.13 -0.49 28.34
CA PHE A 82 4.85 -0.08 27.83
C PHE A 82 4.18 -1.06 26.91
N SER A 83 4.78 -2.25 26.67
N SER A 83 4.78 -2.25 26.67
CA SER A 83 4.10 -3.29 25.89
CA SER A 83 4.11 -3.28 25.88
C SER A 83 2.96 -3.94 26.72
C SER A 83 2.95 -3.92 26.71
N ASN A 84 3.02 -3.81 28.05
CA ASN A 84 2.02 -4.33 28.97
C ASN A 84 1.03 -3.19 29.26
N ARG A 85 -0.25 -3.42 28.98
CA ARG A 85 -1.30 -2.44 29.19
C ARG A 85 -1.40 -1.85 30.61
N SER A 86 -1.27 -2.69 31.65
N SER A 86 -1.26 -2.72 31.65
CA SER A 86 -1.36 -2.20 33.02
CA SER A 86 -1.34 -2.27 33.05
C SER A 86 -0.22 -1.23 33.37
C SER A 86 -0.19 -1.30 33.42
N ASN A 87 0.95 -1.38 32.71
CA ASN A 87 2.06 -0.45 32.95
C ASN A 87 1.76 0.92 32.33
N ILE A 88 1.08 0.93 31.17
CA ILE A 88 0.62 2.15 30.55
C ILE A 88 -0.37 2.84 31.45
N CYS A 89 -1.39 2.12 31.94
N CYS A 89 -1.38 2.11 31.96
CA CYS A 89 -2.41 2.67 32.80
CA CYS A 89 -2.42 2.62 32.85
C CYS A 89 -1.83 3.36 34.04
C CYS A 89 -1.82 3.35 34.04
N ARG A 90 -0.87 2.68 34.73
CA ARG A 90 -0.24 3.23 35.92
C ARG A 90 0.56 4.47 35.59
N PHE A 91 1.32 4.42 34.48
CA PHE A 91 2.08 5.61 34.06
C PHE A 91 1.14 6.78 33.77
N LEU A 92 0.08 6.55 32.99
CA LEU A 92 -0.85 7.60 32.59
C LEU A 92 -1.56 8.22 33.77
N THR A 93 -1.93 7.39 34.76
CA THR A 93 -2.62 7.90 35.95
C THR A 93 -1.67 8.78 36.79
N ALA A 94 -0.39 8.44 36.82
CA ALA A 94 0.59 9.21 37.58
C ALA A 94 1.16 10.42 36.74
N SER A 95 0.70 10.57 35.47
CA SER A 95 1.17 11.60 34.55
C SER A 95 0.20 12.76 34.41
N GLN A 96 0.76 13.97 34.27
CA GLN A 96 -0.03 15.17 34.00
C GLN A 96 -0.21 15.36 32.46
N ASP A 97 0.91 15.27 31.68
CA ASP A 97 0.84 15.56 30.24
C ASP A 97 0.50 14.34 29.35
N LYS A 98 0.53 13.14 29.94
CA LYS A 98 0.19 11.88 29.26
C LYS A 98 1.18 11.49 28.15
N ILE A 99 2.38 12.07 28.14
CA ILE A 99 3.40 11.75 27.12
C ILE A 99 4.32 10.64 27.58
N LEU A 100 4.22 9.49 26.92
CA LEU A 100 4.92 8.28 27.34
C LEU A 100 6.41 8.38 27.30
N PHE A 101 6.94 8.94 26.23
CA PHE A 101 8.38 8.92 26.00
C PHE A 101 9.06 10.27 26.11
N LYS A 102 8.51 11.19 26.91
CA LYS A 102 9.04 12.54 27.03
C LYS A 102 10.55 12.61 27.28
N ASP A 103 11.06 11.92 28.32
CA ASP A 103 12.48 11.98 28.66
C ASP A 103 13.38 11.36 27.58
N VAL A 104 13.01 10.16 27.08
CA VAL A 104 13.74 9.42 26.04
C VAL A 104 13.79 10.30 24.77
N ASN A 105 12.66 10.93 24.42
CA ASN A 105 12.61 11.74 23.21
C ASN A 105 13.54 12.93 23.28
N ARG A 106 13.60 13.60 24.43
CA ARG A 106 14.47 14.76 24.58
C ARG A 106 15.93 14.33 24.54
N LYS A 107 16.26 13.17 25.17
CA LYS A 107 17.64 12.69 25.12
C LYS A 107 18.05 12.35 23.68
N LEU A 108 17.16 11.67 22.94
CA LEU A 108 17.47 11.31 21.56
C LEU A 108 17.68 12.57 20.68
N SER A 109 16.78 13.56 20.79
N SER A 109 16.79 13.56 20.78
CA SER A 109 16.90 14.79 19.99
CA SER A 109 16.93 14.77 19.96
C SER A 109 18.14 15.58 20.34
C SER A 109 18.17 15.54 20.33
N ASP A 110 18.47 15.65 21.63
CA ASP A 110 19.66 16.40 22.06
C ASP A 110 20.92 15.73 21.55
N VAL A 111 21.04 14.40 21.73
CA VAL A 111 22.26 13.70 21.33
C VAL A 111 22.37 13.68 19.81
N TRP A 112 21.25 13.57 19.10
CA TRP A 112 21.33 13.53 17.65
C TRP A 112 21.88 14.83 17.08
N LYS A 113 21.49 15.96 17.67
CA LYS A 113 21.98 17.27 17.20
C LYS A 113 23.53 17.32 17.27
N GLU A 114 24.07 16.81 18.37
CA GLU A 114 25.50 16.80 18.58
C GLU A 114 26.16 15.78 17.67
N LEU A 115 25.61 14.56 17.62
CA LEU A 115 26.21 13.45 16.90
C LEU A 115 26.22 13.71 15.40
N SER A 116 25.09 14.18 14.84
CA SER A 116 25.02 14.42 13.41
C SER A 116 26.05 15.47 12.96
N LEU A 117 26.23 16.53 13.77
CA LEU A 117 27.20 17.55 13.41
C LEU A 117 28.63 16.95 13.39
N LEU A 118 28.94 16.11 14.39
CA LEU A 118 30.27 15.49 14.45
C LEU A 118 30.48 14.54 13.28
N LEU A 119 29.44 13.80 12.88
CA LEU A 119 29.58 12.89 11.74
C LEU A 119 29.76 13.66 10.44
N GLN A 120 29.09 14.82 10.31
CA GLN A 120 29.23 15.63 9.12
C GLN A 120 30.66 16.22 9.07
N VAL A 121 31.17 16.71 10.19
CA VAL A 121 32.51 17.33 10.22
C VAL A 121 33.63 16.30 10.06
N GLU A 122 33.54 15.16 10.80
CA GLU A 122 34.63 14.21 10.80
C GLU A 122 34.58 13.06 9.89
N GLN A 123 33.38 12.67 9.54
CA GLN A 123 33.21 11.47 8.76
C GLN A 123 32.59 11.68 7.40
N ARG A 124 32.57 12.93 6.89
CA ARG A 124 31.99 13.25 5.59
C ARG A 124 30.49 12.88 5.45
N MET A 125 29.72 12.76 6.57
CA MET A 125 28.27 12.49 6.43
C MET A 125 27.63 13.72 5.76
N PRO A 126 26.76 13.52 4.74
CA PRO A 126 26.19 14.68 4.05
C PRO A 126 25.24 15.49 4.92
N VAL A 127 25.13 16.77 4.61
CA VAL A 127 24.18 17.65 5.27
C VAL A 127 22.88 17.43 4.49
N SER A 128 21.87 16.94 5.18
CA SER A 128 20.55 16.56 4.64
C SER A 128 19.70 17.78 4.36
N PRO A 129 18.91 17.76 3.25
CA PRO A 129 18.02 18.90 2.93
C PRO A 129 17.09 19.30 4.07
N ILE A 130 16.79 18.38 5.00
CA ILE A 130 16.00 18.74 6.19
C ILE A 130 16.55 18.00 7.43
N SER A 131 16.83 18.77 8.50
CA SER A 131 17.34 18.22 9.77
C SER A 131 16.22 17.46 10.53
N GLN A 132 16.61 16.66 11.54
CA GLN A 132 15.68 15.84 12.29
C GLN A 132 15.76 16.10 13.80
N SER A 135 10.45 20.34 16.46
CA SER A 135 9.00 20.19 16.59
C SER A 135 8.57 18.93 17.33
N TRP A 136 9.53 18.12 17.86
CA TRP A 136 9.14 16.87 18.52
C TRP A 136 8.23 17.05 19.73
N ALA A 137 8.50 18.03 20.59
CA ALA A 137 7.69 18.24 21.79
C ALA A 137 6.24 18.55 21.45
N GLN A 138 6.03 19.35 20.41
CA GLN A 138 4.68 19.73 19.99
C GLN A 138 3.96 18.51 19.40
N GLU A 139 4.67 17.73 18.58
CA GLU A 139 4.09 16.50 18.01
C GLU A 139 3.74 15.53 19.14
N ASP A 140 4.58 15.45 20.16
CA ASP A 140 4.34 14.55 21.29
C ASP A 140 3.05 14.90 22.04
N GLN A 141 2.75 16.19 22.21
CA GLN A 141 1.50 16.55 22.92
C GLN A 141 0.27 16.17 22.09
N GLN A 142 0.34 16.39 20.77
CA GLN A 142 -0.74 16.02 19.87
C GLN A 142 -0.96 14.49 19.85
N ASP A 143 0.15 13.72 19.76
CA ASP A 143 0.06 12.26 19.80
C ASP A 143 -0.49 11.78 21.15
N ALA A 144 -0.05 12.41 22.25
CA ALA A 144 -0.50 12.03 23.60
C ALA A 144 -2.00 12.23 23.76
N ASP A 145 -2.51 13.32 23.18
CA ASP A 145 -3.94 13.65 23.24
C ASP A 145 -4.77 12.66 22.46
N GLU A 146 -4.29 12.25 21.27
CA GLU A 146 -5.01 11.28 20.45
C GLU A 146 -4.99 9.90 21.09
N ASP A 147 -3.84 9.50 21.67
CA ASP A 147 -3.74 8.20 22.35
C ASP A 147 -4.60 8.14 23.57
N ARG A 148 -4.71 9.26 24.32
CA ARG A 148 -5.52 9.37 25.53
C ARG A 148 -6.97 9.04 25.21
N ARG A 149 -7.48 9.58 24.09
CA ARG A 149 -8.86 9.34 23.63
C ARG A 149 -9.10 7.88 23.26
N ALA A 150 -8.13 7.27 22.57
CA ALA A 150 -8.25 5.87 22.16
C ALA A 150 -8.08 4.89 23.35
N PHE A 151 -7.33 5.28 24.39
CA PHE A 151 -7.04 4.40 25.52
C PHE A 151 -8.27 4.19 26.43
N GLN A 152 -9.32 5.01 26.32
CA GLN A 152 -10.57 4.81 27.11
C GLN A 152 -11.19 3.40 26.94
N SER B 2 -23.59 4.81 -31.13
CA SER B 2 -22.51 5.76 -30.83
C SER B 2 -21.49 5.14 -29.85
N PRO B 3 -20.21 5.61 -29.80
CA PRO B 3 -19.25 5.04 -28.84
C PRO B 3 -19.70 5.28 -27.40
N GLY B 4 -20.36 6.42 -27.15
CA GLY B 4 -20.92 6.76 -25.84
C GLY B 4 -22.03 5.80 -25.43
N GLU B 5 -22.86 5.40 -26.40
CA GLU B 5 -23.94 4.45 -26.17
C GLU B 5 -23.39 3.04 -25.96
N ASN B 6 -22.36 2.67 -26.71
CA ASN B 6 -21.73 1.36 -26.56
C ASN B 6 -21.12 1.22 -25.15
N LEU B 7 -20.44 2.29 -24.68
CA LEU B 7 -19.84 2.29 -23.36
C LEU B 7 -20.91 2.18 -22.26
N LYS B 8 -22.02 2.92 -22.41
CA LYS B 8 -23.11 2.86 -21.42
C LYS B 8 -23.70 1.44 -21.38
N HIS B 9 -23.82 0.81 -22.54
CA HIS B 9 -24.35 -0.56 -22.61
C HIS B 9 -23.42 -1.52 -21.86
N ILE B 10 -22.10 -1.42 -22.10
CA ILE B 10 -21.16 -2.29 -21.42
C ILE B 10 -21.22 -2.12 -19.90
N ILE B 11 -21.32 -0.86 -19.44
CA ILE B 11 -21.36 -0.59 -18.00
C ILE B 11 -22.63 -1.19 -17.40
N THR B 12 -23.76 -0.98 -18.09
CA THR B 12 -25.02 -1.54 -17.59
C THR B 12 -24.97 -3.07 -17.56
N LEU B 13 -24.44 -3.68 -18.61
CA LEU B 13 -24.32 -5.14 -18.65
C LEU B 13 -23.43 -5.64 -17.48
N GLY B 14 -22.31 -4.95 -17.21
CA GLY B 14 -21.45 -5.37 -16.09
C GLY B 14 -22.17 -5.27 -14.75
N GLN B 15 -22.96 -4.18 -14.58
CA GLN B 15 -23.69 -3.97 -13.34
C GLN B 15 -24.80 -5.02 -13.15
N VAL B 16 -25.47 -5.38 -14.25
CA VAL B 16 -26.51 -6.40 -14.17
C VAL B 16 -25.89 -7.78 -13.84
N ILE B 17 -24.72 -8.08 -14.44
CA ILE B 17 -24.03 -9.34 -14.14
C ILE B 17 -23.68 -9.42 -12.65
N HIS B 18 -23.15 -8.32 -12.07
CA HIS B 18 -22.78 -8.33 -10.65
C HIS B 18 -24.02 -8.57 -9.78
N LYS B 19 -25.14 -7.89 -10.09
CA LYS B 19 -26.35 -8.10 -9.30
C LYS B 19 -26.84 -9.56 -9.40
N ARG B 20 -26.77 -10.16 -10.61
N ARG B 20 -26.77 -10.15 -10.61
CA ARG B 20 -27.20 -11.55 -10.78
CA ARG B 20 -27.20 -11.53 -10.82
C ARG B 20 -26.29 -12.47 -9.99
C ARG B 20 -26.29 -12.49 -10.05
N CYS B 21 -24.98 -12.20 -10.02
CA CYS B 21 -24.03 -13.04 -9.27
C CYS B 21 -24.32 -13.04 -7.77
N GLU B 22 -24.68 -11.87 -7.24
CA GLU B 22 -24.99 -11.75 -5.83
C GLU B 22 -26.24 -12.53 -5.40
N GLU B 23 -27.15 -12.79 -6.35
N GLU B 23 -27.17 -12.76 -6.33
CA GLU B 23 -28.38 -13.55 -6.11
CA GLU B 23 -28.38 -13.51 -6.02
C GLU B 23 -28.19 -15.05 -6.25
C GLU B 23 -28.29 -15.01 -6.40
N MET B 24 -27.15 -15.52 -6.96
N MET B 24 -27.07 -15.49 -6.78
CA MET B 24 -26.94 -16.95 -7.17
CA MET B 24 -26.91 -16.91 -7.07
C MET B 24 -26.85 -17.72 -5.83
C MET B 24 -26.93 -17.67 -5.74
N LYS B 25 -27.66 -18.78 -5.70
CA LYS B 25 -27.77 -19.57 -4.45
C LYS B 25 -26.73 -20.65 -4.30
N TYR B 26 -26.14 -21.11 -5.43
CA TYR B 26 -25.20 -22.24 -5.40
C TYR B 26 -23.87 -21.85 -6.00
N CYS B 27 -22.80 -22.52 -5.54
CA CYS B 27 -21.43 -22.17 -5.96
C CYS B 27 -21.17 -20.67 -5.73
N LYS B 28 -21.55 -20.19 -4.56
CA LYS B 28 -21.47 -18.79 -4.24
C LYS B 28 -20.10 -18.19 -4.30
N LYS B 29 -19.02 -18.94 -3.94
CA LYS B 29 -17.68 -18.37 -3.96
C LYS B 29 -17.31 -17.97 -5.38
N GLN B 30 -17.57 -18.87 -6.33
CA GLN B 30 -17.25 -18.60 -7.73
C GLN B 30 -18.16 -17.55 -8.32
N CYS B 31 -19.47 -17.58 -8.00
CA CYS B 31 -20.39 -16.58 -8.55
C CYS B 31 -20.05 -15.20 -8.03
N ARG B 32 -19.82 -15.08 -6.70
CA ARG B 32 -19.51 -13.77 -6.15
C ARG B 32 -18.18 -13.27 -6.66
N ARG B 33 -17.22 -14.18 -6.89
CA ARG B 33 -15.90 -13.77 -7.42
C ARG B 33 -16.07 -13.19 -8.83
N LEU B 34 -16.89 -13.84 -9.67
CA LEU B 34 -17.14 -13.36 -11.01
C LEU B 34 -17.79 -11.95 -10.98
N GLY B 35 -18.80 -11.79 -10.13
CA GLY B 35 -19.48 -10.49 -10.04
C GLY B 35 -18.55 -9.39 -9.59
N HIS B 36 -17.68 -9.70 -8.59
CA HIS B 36 -16.75 -8.69 -8.10
C HIS B 36 -15.71 -8.36 -9.14
N ARG B 37 -15.25 -9.36 -9.88
CA ARG B 37 -14.26 -9.11 -10.94
C ARG B 37 -14.87 -8.23 -12.02
N VAL B 38 -16.11 -8.54 -12.42
CA VAL B 38 -16.76 -7.73 -13.45
C VAL B 38 -16.97 -6.30 -12.98
N LEU B 39 -17.43 -6.11 -11.75
CA LEU B 39 -17.62 -4.76 -11.23
C LEU B 39 -16.31 -3.97 -11.22
N GLY B 40 -15.20 -4.67 -10.93
CA GLY B 40 -13.89 -4.04 -10.89
C GLY B 40 -13.44 -3.61 -12.27
N LEU B 41 -13.81 -4.36 -13.33
CA LEU B 41 -13.40 -3.99 -14.69
C LEU B 41 -14.20 -2.87 -15.24
N ILE B 42 -15.50 -2.78 -14.88
CA ILE B 42 -16.29 -1.67 -15.42
C ILE B 42 -16.02 -0.35 -14.64
N LYS B 43 -15.45 -0.43 -13.40
CA LYS B 43 -15.20 0.79 -12.62
C LYS B 43 -14.40 1.87 -13.40
N PRO B 44 -13.25 1.56 -14.03
CA PRO B 44 -12.55 2.58 -14.82
C PRO B 44 -13.32 3.05 -16.05
N LEU B 45 -14.20 2.19 -16.61
CA LEU B 45 -15.03 2.57 -17.74
C LEU B 45 -16.07 3.59 -17.29
N GLU B 46 -16.63 3.40 -16.09
CA GLU B 46 -17.59 4.33 -15.52
C GLU B 46 -16.92 5.68 -15.29
N MET B 47 -15.68 5.69 -14.79
N MET B 47 -15.69 5.67 -14.78
CA MET B 47 -14.99 6.94 -14.53
CA MET B 47 -14.92 6.87 -14.53
C MET B 47 -14.44 7.60 -15.83
C MET B 47 -14.56 7.60 -15.84
N LEU B 48 -14.34 6.84 -16.92
CA LEU B 48 -13.99 7.37 -18.23
C LEU B 48 -15.25 8.00 -18.84
N GLN B 49 -16.42 7.34 -18.69
CA GLN B 49 -17.72 7.83 -19.17
C GLN B 49 -18.03 9.22 -18.61
N ASP B 50 -17.59 9.51 -17.37
CA ASP B 50 -17.79 10.80 -16.71
C ASP B 50 -16.91 11.93 -17.27
N GLN B 51 -16.47 11.82 -18.56
CA GLN B 51 -15.66 12.84 -19.23
C GLN B 51 -15.87 12.81 -20.77
N SER B 55 -14.24 11.97 -27.89
CA SER B 55 -12.93 11.44 -28.26
C SER B 55 -13.07 10.19 -29.16
N VAL B 56 -13.15 10.41 -30.49
CA VAL B 56 -13.32 9.37 -31.52
C VAL B 56 -12.37 8.17 -31.37
N PRO B 57 -12.94 6.98 -31.07
CA PRO B 57 -12.09 5.79 -30.88
C PRO B 57 -11.45 5.27 -32.14
N SER B 58 -10.24 4.70 -32.01
CA SER B 58 -9.58 4.05 -33.12
C SER B 58 -10.39 2.80 -33.52
N GLU B 59 -10.10 2.23 -34.71
CA GLU B 59 -10.75 1.00 -35.13
C GLU B 59 -10.44 -0.12 -34.13
N LYS B 60 -9.18 -0.18 -33.66
CA LYS B 60 -8.78 -1.17 -32.69
C LYS B 60 -9.51 -1.01 -31.35
N LEU B 61 -9.78 0.24 -30.91
CA LEU B 61 -10.49 0.44 -29.65
C LEU B 61 -11.94 0.01 -29.76
N THR B 62 -12.60 0.34 -30.87
CA THR B 62 -14.00 -0.08 -31.05
C THR B 62 -14.08 -1.62 -31.12
N THR B 63 -13.11 -2.27 -31.76
CA THR B 63 -13.10 -3.73 -31.85
C THR B 63 -12.93 -4.33 -30.45
N ALA B 64 -12.02 -3.77 -29.67
CA ALA B 64 -11.75 -4.25 -28.31
C ALA B 64 -12.98 -4.06 -27.41
N MET B 65 -13.69 -2.92 -27.55
N MET B 65 -13.68 -2.91 -27.55
CA MET B 65 -14.90 -2.69 -26.74
CA MET B 65 -14.90 -2.63 -26.79
C MET B 65 -15.97 -3.70 -27.11
C MET B 65 -15.97 -3.68 -27.11
N ASN B 66 -16.13 -4.00 -28.42
CA ASN B 66 -17.11 -4.98 -28.86
C ASN B 66 -16.76 -6.38 -28.40
N ARG B 67 -15.46 -6.72 -28.38
CA ARG B 67 -15.03 -8.03 -27.87
C ARG B 67 -15.31 -8.13 -26.38
N PHE B 68 -15.14 -7.02 -25.65
CA PHE B 68 -15.41 -7.00 -24.22
C PHE B 68 -16.90 -7.16 -23.96
N LYS B 69 -17.74 -6.47 -24.74
CA LYS B 69 -19.18 -6.62 -24.64
C LYS B 69 -19.58 -8.11 -24.88
N ALA B 70 -19.00 -8.74 -25.91
CA ALA B 70 -19.31 -10.15 -26.20
C ALA B 70 -18.88 -11.06 -25.05
N ALA B 71 -17.71 -10.79 -24.44
CA ALA B 71 -17.24 -11.62 -23.31
C ALA B 71 -18.21 -11.47 -22.11
N LEU B 72 -18.71 -10.23 -21.88
CA LEU B 72 -19.66 -10.03 -20.77
C LEU B 72 -20.98 -10.74 -21.10
N GLU B 73 -21.43 -10.69 -22.38
CA GLU B 73 -22.65 -11.41 -22.75
C GLU B 73 -22.49 -12.90 -22.54
N GLU B 74 -21.30 -13.44 -22.83
CA GLU B 74 -21.02 -14.86 -22.66
C GLU B 74 -21.07 -15.20 -21.17
N ALA B 75 -20.46 -14.36 -20.33
CA ALA B 75 -20.51 -14.58 -18.87
C ALA B 75 -21.98 -14.56 -18.37
N ASN B 76 -22.78 -13.60 -18.87
CA ASN B 76 -24.19 -13.50 -18.47
C ASN B 76 -24.95 -14.77 -18.86
N GLY B 77 -24.64 -15.33 -20.03
CA GLY B 77 -25.26 -16.56 -20.49
C GLY B 77 -24.90 -17.76 -19.61
N GLU B 78 -23.66 -17.80 -19.09
CA GLU B 78 -23.26 -18.89 -18.18
C GLU B 78 -23.91 -18.73 -16.82
N ILE B 79 -24.08 -17.48 -16.35
CA ILE B 79 -24.81 -17.24 -15.09
C ILE B 79 -26.25 -17.72 -15.23
N GLU B 80 -26.87 -17.45 -16.38
CA GLU B 80 -28.25 -17.93 -16.62
C GLU B 80 -28.28 -19.48 -16.61
N LYS B 81 -27.33 -20.14 -17.29
CA LYS B 81 -27.27 -21.61 -17.31
C LYS B 81 -27.11 -22.16 -15.89
N PHE B 82 -26.18 -21.59 -15.11
CA PHE B 82 -25.87 -22.12 -13.78
C PHE B 82 -26.85 -21.63 -12.67
N SER B 83 -27.88 -20.84 -13.03
N SER B 83 -27.88 -20.84 -13.03
CA SER B 83 -28.94 -20.50 -12.06
CA SER B 83 -28.93 -20.49 -12.07
C SER B 83 -29.88 -21.74 -11.87
C SER B 83 -29.86 -21.74 -11.86
N ASN B 84 -29.84 -22.73 -12.81
CA ASN B 84 -30.59 -23.99 -12.72
C ASN B 84 -29.62 -24.93 -11.95
N ARG B 85 -29.98 -25.29 -10.69
CA ARG B 85 -29.10 -26.04 -9.82
C ARG B 85 -28.69 -27.37 -10.43
N SER B 86 -29.57 -27.98 -11.21
CA SER B 86 -29.27 -29.28 -11.82
C SER B 86 -28.17 -29.18 -12.89
N ASN B 87 -28.02 -27.99 -13.53
CA ASN B 87 -26.93 -27.80 -14.47
C ASN B 87 -25.61 -27.76 -13.73
N ILE B 88 -25.59 -27.17 -12.53
CA ILE B 88 -24.39 -27.16 -11.70
C ILE B 88 -24.05 -28.61 -11.31
N CYS B 89 -25.07 -29.35 -10.88
CA CYS B 89 -24.89 -30.74 -10.46
C CYS B 89 -24.21 -31.60 -11.54
N ARG B 90 -24.71 -31.52 -12.76
CA ARG B 90 -24.18 -32.28 -13.89
C ARG B 90 -22.78 -31.81 -14.24
N PHE B 91 -22.55 -30.49 -14.21
CA PHE B 91 -21.23 -29.95 -14.49
C PHE B 91 -20.20 -30.49 -13.49
N LEU B 92 -20.52 -30.43 -12.20
CA LEU B 92 -19.56 -30.83 -11.17
C LEU B 92 -19.18 -32.30 -11.29
N THR B 93 -20.18 -33.15 -11.59
CA THR B 93 -19.92 -34.58 -11.71
C THR B 93 -19.02 -34.87 -12.90
N ALA B 94 -19.21 -34.15 -14.01
CA ALA B 94 -18.42 -34.36 -15.21
C ALA B 94 -17.03 -33.72 -15.16
N SER B 95 -16.92 -32.57 -14.49
CA SER B 95 -15.70 -31.78 -14.47
C SER B 95 -14.61 -32.35 -13.61
N GLN B 96 -13.34 -32.21 -14.05
CA GLN B 96 -12.23 -32.68 -13.25
C GLN B 96 -11.68 -31.55 -12.37
N ASP B 97 -11.65 -30.29 -12.85
CA ASP B 97 -11.16 -29.19 -12.01
C ASP B 97 -12.27 -28.44 -11.22
N LYS B 98 -13.56 -28.67 -11.59
CA LYS B 98 -14.75 -28.12 -10.93
C LYS B 98 -14.84 -26.60 -11.04
N ILE B 99 -14.07 -25.95 -11.96
CA ILE B 99 -14.08 -24.48 -12.06
C ILE B 99 -15.20 -24.07 -13.00
N LEU B 100 -16.29 -23.56 -12.42
N LEU B 100 -16.31 -23.58 -12.42
CA LEU B 100 -17.54 -23.21 -13.09
CA LEU B 100 -17.52 -23.23 -13.16
C LEU B 100 -17.44 -22.19 -14.23
C LEU B 100 -17.32 -22.26 -14.31
N PHE B 101 -16.57 -21.18 -14.08
CA PHE B 101 -16.43 -20.13 -15.10
C PHE B 101 -15.02 -20.05 -15.66
N LYS B 102 -14.31 -21.18 -15.75
CA LYS B 102 -12.91 -21.17 -16.22
C LYS B 102 -12.73 -20.45 -17.57
N ASP B 103 -13.47 -20.86 -18.60
CA ASP B 103 -13.34 -20.25 -19.92
C ASP B 103 -13.80 -18.81 -19.98
N VAL B 104 -14.92 -18.48 -19.35
CA VAL B 104 -15.41 -17.10 -19.31
C VAL B 104 -14.39 -16.19 -18.61
N ASN B 105 -13.80 -16.67 -17.49
CA ASN B 105 -12.83 -15.85 -16.75
C ASN B 105 -11.61 -15.59 -17.58
N ARG B 106 -11.12 -16.64 -18.29
CA ARG B 106 -9.95 -16.46 -19.14
C ARG B 106 -10.26 -15.46 -20.26
N LYS B 107 -11.44 -15.57 -20.89
CA LYS B 107 -11.78 -14.67 -21.98
C LYS B 107 -11.93 -13.23 -21.50
N LEU B 108 -12.58 -13.01 -20.35
CA LEU B 108 -12.70 -11.68 -19.77
C LEU B 108 -11.31 -11.09 -19.46
N SER B 109 -10.41 -11.90 -18.88
CA SER B 109 -9.08 -11.38 -18.55
C SER B 109 -8.32 -11.02 -19.84
N ASP B 110 -8.36 -11.91 -20.84
CA ASP B 110 -7.62 -11.68 -22.10
C ASP B 110 -8.14 -10.46 -22.84
N VAL B 111 -9.48 -10.31 -22.95
CA VAL B 111 -10.01 -9.16 -23.65
C VAL B 111 -9.77 -7.86 -22.86
N TRP B 112 -9.83 -7.94 -21.51
CA TRP B 112 -9.59 -6.76 -20.71
C TRP B 112 -8.18 -6.27 -20.88
N LYS B 113 -7.21 -7.18 -20.99
CA LYS B 113 -5.80 -6.74 -21.18
C LYS B 113 -5.66 -5.94 -22.45
N GLU B 114 -6.36 -6.36 -23.51
CA GLU B 114 -6.28 -5.65 -24.80
C GLU B 114 -6.99 -4.30 -24.69
N LEU B 115 -8.21 -4.32 -24.09
CA LEU B 115 -9.00 -3.10 -23.98
C LEU B 115 -8.35 -2.07 -23.07
N SER B 116 -7.90 -2.49 -21.89
N SER B 116 -7.86 -2.52 -21.92
CA SER B 116 -7.26 -1.59 -20.94
CA SER B 116 -7.20 -1.68 -20.93
C SER B 116 -5.96 -0.97 -21.52
C SER B 116 -5.97 -0.99 -21.53
N LEU B 117 -5.19 -1.72 -22.33
CA LEU B 117 -3.98 -1.14 -22.96
C LEU B 117 -4.37 -0.03 -23.93
N LEU B 118 -5.44 -0.25 -24.71
CA LEU B 118 -5.90 0.77 -25.64
C LEU B 118 -6.44 1.97 -24.91
N LEU B 119 -7.16 1.75 -23.81
CA LEU B 119 -7.69 2.87 -23.04
C LEU B 119 -6.58 3.65 -22.36
N GLN B 120 -5.56 2.95 -21.83
CA GLN B 120 -4.40 3.59 -21.21
C GLN B 120 -3.65 4.45 -22.24
N VAL B 121 -3.34 3.89 -23.41
CA VAL B 121 -2.52 4.63 -24.39
C VAL B 121 -3.31 5.67 -25.16
N GLU B 122 -4.50 5.30 -25.63
CA GLU B 122 -5.32 6.17 -26.45
C GLU B 122 -6.15 7.20 -25.67
N GLN B 123 -6.74 6.80 -24.54
CA GLN B 123 -7.61 7.70 -23.77
C GLN B 123 -7.01 8.18 -22.44
N ARG B 124 -5.73 7.80 -22.16
CA ARG B 124 -5.01 8.13 -20.92
C ARG B 124 -5.78 7.66 -19.66
N MET B 125 -6.47 6.51 -19.76
CA MET B 125 -7.22 5.92 -18.63
C MET B 125 -6.22 5.41 -17.59
N PRO B 126 -6.43 5.73 -16.32
CA PRO B 126 -5.49 5.29 -15.27
C PRO B 126 -5.60 3.81 -14.96
N VAL B 127 -4.74 2.99 -15.58
CA VAL B 127 -4.61 1.53 -15.44
C VAL B 127 -3.41 1.19 -14.50
N SER B 131 -0.94 -5.52 -16.37
CA SER B 131 -0.75 -6.09 -15.03
C SER B 131 -2.10 -6.57 -14.43
N GLN B 132 -2.88 -7.37 -15.20
CA GLN B 132 -4.22 -7.79 -14.77
C GLN B 132 -4.45 -9.31 -14.62
N GLY B 133 -5.37 -9.65 -13.71
CA GLY B 133 -5.81 -11.00 -13.46
C GLY B 133 -4.74 -12.02 -13.09
N ALA B 134 -3.53 -11.56 -12.67
CA ALA B 134 -2.43 -12.46 -12.28
C ALA B 134 -2.84 -13.55 -11.26
N SER B 135 -3.63 -13.18 -10.26
CA SER B 135 -3.99 -14.12 -9.23
C SER B 135 -5.33 -14.84 -9.50
N TRP B 136 -6.00 -14.58 -10.63
CA TRP B 136 -7.31 -15.20 -10.86
C TRP B 136 -7.35 -16.71 -10.91
N ALA B 137 -6.39 -17.35 -11.59
CA ALA B 137 -6.40 -18.79 -11.72
C ALA B 137 -6.22 -19.45 -10.35
N GLN B 138 -5.36 -18.88 -9.50
CA GLN B 138 -5.16 -19.43 -8.16
C GLN B 138 -6.43 -19.27 -7.31
N GLU B 139 -7.07 -18.08 -7.40
CA GLU B 139 -8.31 -17.85 -6.66
C GLU B 139 -9.40 -18.81 -7.16
N ASP B 140 -9.44 -19.07 -8.46
CA ASP B 140 -10.45 -19.98 -9.02
C ASP B 140 -10.34 -21.43 -8.49
N GLN B 141 -9.12 -22.01 -8.41
N GLN B 141 -9.09 -21.96 -8.39
CA GLN B 141 -9.06 -23.39 -7.88
CA GLN B 141 -8.82 -23.34 -7.92
C GLN B 141 -9.42 -23.40 -6.38
C GLN B 141 -9.32 -23.55 -6.49
N GLN B 142 -9.08 -22.33 -5.65
N GLN B 142 -9.05 -22.37 -5.62
CA GLN B 142 -9.42 -22.22 -4.24
CA GLN B 142 -9.49 -22.44 -4.22
C GLN B 142 -10.95 -22.16 -4.06
C GLN B 142 -11.02 -22.28 -4.12
N ASP B 143 -11.60 -21.28 -4.83
CA ASP B 143 -13.07 -21.10 -4.80
C ASP B 143 -13.80 -22.35 -5.28
N ALA B 144 -13.27 -23.02 -6.33
CA ALA B 144 -13.92 -24.21 -6.86
C ALA B 144 -13.96 -25.35 -5.84
N ASP B 145 -12.86 -25.52 -5.11
CA ASP B 145 -12.81 -26.59 -4.11
C ASP B 145 -13.82 -26.29 -2.99
N GLU B 146 -13.88 -25.04 -2.54
N GLU B 146 -13.88 -25.05 -2.51
CA GLU B 146 -14.81 -24.64 -1.49
CA GLU B 146 -14.84 -24.69 -1.46
C GLU B 146 -16.27 -24.83 -1.92
C GLU B 146 -16.29 -24.90 -1.94
N ASP B 147 -16.59 -24.44 -3.16
CA ASP B 147 -17.96 -24.58 -3.67
C ASP B 147 -18.33 -26.02 -3.87
N ARG B 148 -17.37 -26.86 -4.32
CA ARG B 148 -17.63 -28.27 -4.53
C ARG B 148 -17.99 -28.93 -3.20
N ARG B 149 -17.23 -28.61 -2.14
CA ARG B 149 -17.53 -29.16 -0.81
C ARG B 149 -18.92 -28.73 -0.33
N ALA B 150 -19.27 -27.46 -0.54
CA ALA B 150 -20.56 -26.92 -0.09
C ALA B 150 -21.74 -27.47 -0.87
N PHE B 151 -21.53 -27.83 -2.13
CA PHE B 151 -22.61 -28.33 -2.97
C PHE B 151 -23.08 -29.73 -2.57
N GLY C 4 -16.55 10.02 4.83
CA GLY C 4 -16.79 10.03 3.38
C GLY C 4 -15.89 11.02 2.64
N GLU C 5 -15.64 12.17 3.28
CA GLU C 5 -14.78 13.22 2.74
C GLU C 5 -13.32 12.75 2.80
N ASN C 6 -12.94 12.08 3.91
CA ASN C 6 -11.57 11.56 4.05
C ASN C 6 -11.29 10.52 2.95
N LEU C 7 -12.28 9.64 2.70
CA LEU C 7 -12.16 8.60 1.68
C LEU C 7 -11.99 9.21 0.31
N LYS C 8 -12.81 10.21 -0.03
CA LYS C 8 -12.71 10.88 -1.30
C LYS C 8 -11.34 11.60 -1.46
N HIS C 9 -10.83 12.23 -0.39
CA HIS C 9 -9.54 12.92 -0.40
C HIS C 9 -8.43 11.91 -0.70
N ILE C 10 -8.40 10.80 0.03
CA ILE C 10 -7.35 9.79 -0.16
C ILE C 10 -7.37 9.22 -1.57
N ILE C 11 -8.59 8.92 -2.08
CA ILE C 11 -8.70 8.45 -3.47
C ILE C 11 -8.16 9.48 -4.45
N THR C 12 -8.58 10.77 -4.29
CA THR C 12 -8.10 11.82 -5.18
C THR C 12 -6.60 11.99 -5.10
N LEU C 13 -6.03 11.93 -3.90
CA LEU C 13 -4.59 12.05 -3.72
C LEU C 13 -3.86 10.92 -4.47
N GLY C 14 -4.39 9.69 -4.37
CA GLY C 14 -3.77 8.58 -5.08
C GLY C 14 -3.83 8.76 -6.59
N GLN C 15 -4.98 9.22 -7.09
CA GLN C 15 -5.14 9.45 -8.53
C GLN C 15 -4.20 10.53 -9.03
N VAL C 16 -4.03 11.60 -8.24
CA VAL C 16 -3.14 12.69 -8.61
C VAL C 16 -1.68 12.20 -8.60
N ILE C 17 -1.31 11.37 -7.60
CA ILE C 17 0.06 10.84 -7.56
C ILE C 17 0.37 10.02 -8.81
N HIS C 18 -0.58 9.16 -9.23
CA HIS C 18 -0.38 8.37 -10.45
C HIS C 18 -0.16 9.29 -11.65
N LYS C 19 -1.00 10.34 -11.78
CA LYS C 19 -0.83 11.25 -12.92
C LYS C 19 0.52 11.98 -12.87
N ARG C 20 0.98 12.38 -11.67
N ARG C 20 0.97 12.38 -11.67
CA ARG C 20 2.28 13.04 -11.55
CA ARG C 20 2.26 13.05 -11.52
C ARG C 20 3.39 12.07 -11.94
C ARG C 20 3.41 12.08 -11.89
N CYS C 21 3.27 10.80 -11.52
CA CYS C 21 4.31 9.78 -11.86
C CYS C 21 4.44 9.60 -13.36
N GLU C 22 3.28 9.64 -14.06
CA GLU C 22 3.26 9.48 -15.52
C GLU C 22 3.99 10.63 -16.24
N GLU C 23 4.10 11.81 -15.59
CA GLU C 23 4.77 12.97 -16.18
C GLU C 23 6.27 13.07 -15.86
N MET C 24 6.78 12.25 -14.93
N MET C 24 6.79 12.20 -14.97
CA MET C 24 8.19 12.32 -14.57
CA MET C 24 8.20 12.24 -14.59
C MET C 24 9.11 11.95 -15.73
C MET C 24 9.11 11.94 -15.77
N LYS C 25 10.18 12.73 -15.91
CA LYS C 25 11.08 12.60 -17.04
C LYS C 25 12.23 11.63 -16.88
N TYR C 26 12.63 11.32 -15.62
CA TYR C 26 13.82 10.49 -15.41
C TYR C 26 13.46 9.30 -14.54
N CYS C 27 14.21 8.18 -14.70
CA CYS C 27 13.93 6.94 -13.97
C CYS C 27 12.48 6.53 -14.14
N LYS C 28 12.01 6.54 -15.39
CA LYS C 28 10.63 6.29 -15.72
C LYS C 28 10.09 4.94 -15.25
N LYS C 29 10.93 3.87 -15.26
CA LYS C 29 10.41 2.55 -14.85
C LYS C 29 9.99 2.63 -13.36
N GLN C 30 10.84 3.21 -12.53
CA GLN C 30 10.53 3.30 -11.09
C GLN C 30 9.40 4.28 -10.82
N CYS C 31 9.36 5.42 -11.53
CA CYS C 31 8.29 6.40 -11.29
C CYS C 31 6.94 5.81 -11.71
N ARG C 32 6.90 5.20 -12.90
CA ARG C 32 5.64 4.61 -13.37
C ARG C 32 5.22 3.43 -12.52
N ARG C 33 6.18 2.66 -11.98
CA ARG C 33 5.80 1.53 -11.10
C ARG C 33 5.15 2.08 -9.83
N LEU C 34 5.71 3.17 -9.25
CA LEU C 34 5.11 3.77 -8.05
C LEU C 34 3.65 4.22 -8.36
N GLY C 35 3.46 4.89 -9.49
CA GLY C 35 2.10 5.35 -9.84
C GLY C 35 1.12 4.21 -10.01
N HIS C 36 1.58 3.13 -10.64
CA HIS C 36 0.72 1.96 -10.87
C HIS C 36 0.43 1.24 -9.56
N ARG C 37 1.43 1.18 -8.66
CA ARG C 37 1.18 0.55 -7.35
C ARG C 37 0.15 1.37 -6.57
N VAL C 38 0.28 2.71 -6.62
CA VAL C 38 -0.67 3.57 -5.92
C VAL C 38 -2.09 3.37 -6.47
N LEU C 39 -2.23 3.29 -7.81
CA LEU C 39 -3.56 3.02 -8.39
C LEU C 39 -4.12 1.67 -7.86
N GLY C 40 -3.26 0.68 -7.71
CA GLY C 40 -3.71 -0.62 -7.21
C GLY C 40 -4.17 -0.56 -5.76
N LEU C 41 -3.48 0.26 -4.94
CA LEU C 41 -3.83 0.37 -3.53
C LEU C 41 -5.12 1.13 -3.35
N ILE C 42 -5.39 2.14 -4.18
CA ILE C 42 -6.64 2.89 -4.01
C ILE C 42 -7.84 2.18 -4.63
N LYS C 43 -7.62 1.21 -5.52
CA LYS C 43 -8.74 0.52 -6.20
C LYS C 43 -9.82 0.00 -5.23
N PRO C 44 -9.48 -0.70 -4.14
CA PRO C 44 -10.55 -1.15 -3.21
C PRO C 44 -11.25 0.02 -2.49
N LEU C 45 -10.55 1.15 -2.32
CA LEU C 45 -11.16 2.35 -1.74
C LEU C 45 -12.20 2.91 -2.67
N GLU C 46 -11.90 2.93 -3.97
CA GLU C 46 -12.83 3.41 -4.99
C GLU C 46 -14.10 2.52 -4.99
N MET C 47 -13.89 1.20 -4.85
CA MET C 47 -15.01 0.26 -4.83
C MET C 47 -15.85 0.45 -3.56
N LEU C 48 -15.20 0.72 -2.45
CA LEU C 48 -15.86 0.92 -1.18
C LEU C 48 -16.70 2.21 -1.24
N GLN C 49 -16.12 3.27 -1.84
CA GLN C 49 -16.77 4.55 -1.99
C GLN C 49 -18.13 4.43 -2.71
N ASP C 50 -18.23 3.48 -3.65
CA ASP C 50 -19.46 3.21 -4.40
C ASP C 50 -20.52 2.41 -3.62
N GLN C 51 -20.28 2.06 -2.34
CA GLN C 51 -21.27 1.31 -1.56
C GLN C 51 -22.29 2.24 -0.88
N PRO C 57 -17.15 4.26 9.59
CA PRO C 57 -15.85 3.64 9.87
C PRO C 57 -15.49 3.70 11.35
N SER C 58 -14.82 2.66 11.84
CA SER C 58 -14.37 2.58 13.22
C SER C 58 -13.18 3.51 13.49
N GLU C 59 -12.82 3.67 14.78
CA GLU C 59 -11.65 4.47 15.17
C GLU C 59 -10.38 3.87 14.53
N LYS C 60 -10.21 2.53 14.60
CA LYS C 60 -9.05 1.83 14.05
C LYS C 60 -8.96 2.05 12.55
N LEU C 61 -10.10 1.97 11.83
CA LEU C 61 -10.08 2.12 10.40
C LEU C 61 -9.77 3.55 9.99
N THR C 62 -10.33 4.55 10.67
CA THR C 62 -10.02 5.95 10.37
C THR C 62 -8.52 6.23 10.63
N THR C 63 -7.95 5.65 11.70
CA THR C 63 -6.53 5.83 11.99
C THR C 63 -5.65 5.19 10.88
N ALA C 64 -6.05 4.01 10.41
CA ALA C 64 -5.31 3.34 9.34
C ALA C 64 -5.41 4.11 8.01
N MET C 65 -6.60 4.67 7.73
N MET C 65 -6.61 4.67 7.73
CA MET C 65 -6.78 5.47 6.51
CA MET C 65 -6.83 5.48 6.53
C MET C 65 -5.89 6.72 6.57
C MET C 65 -5.93 6.71 6.57
N ASN C 66 -5.81 7.35 7.75
CA ASN C 66 -4.94 8.52 7.93
C ASN C 66 -3.46 8.19 7.81
N ARG C 67 -3.09 7.01 8.26
CA ARG C 67 -1.71 6.54 8.13
C ARG C 67 -1.37 6.35 6.63
N PHE C 68 -2.35 5.82 5.89
CA PHE C 68 -2.16 5.59 4.47
C PHE C 68 -2.08 6.94 3.73
N LYS C 69 -2.92 7.90 4.11
CA LYS C 69 -2.88 9.24 3.54
C LYS C 69 -1.48 9.87 3.78
N ALA C 70 -0.92 9.69 5.00
CA ALA C 70 0.43 10.24 5.28
C ALA C 70 1.51 9.56 4.42
N ALA C 71 1.38 8.24 4.18
CA ALA C 71 2.36 7.55 3.32
C ALA C 71 2.25 8.08 1.87
N LEU C 72 1.01 8.33 1.41
CA LEU C 72 0.82 8.89 0.05
C LEU C 72 1.44 10.30 0.00
N GLU C 73 1.25 11.10 1.06
CA GLU C 73 1.83 12.45 1.09
C GLU C 73 3.38 12.37 1.07
N GLU C 74 3.94 11.35 1.74
CA GLU C 74 5.39 11.15 1.72
C GLU C 74 5.85 10.77 0.32
N ALA C 75 5.13 9.85 -0.33
CA ALA C 75 5.47 9.48 -1.72
C ALA C 75 5.39 10.74 -2.65
N ASN C 76 4.35 11.59 -2.47
CA ASN C 76 4.18 12.80 -3.27
C ASN C 76 5.39 13.75 -3.05
N GLY C 77 5.91 13.82 -1.82
CA GLY C 77 7.09 14.64 -1.52
C GLY C 77 8.33 14.13 -2.25
N GLU C 78 8.46 12.79 -2.35
CA GLU C 78 9.59 12.21 -3.08
C GLU C 78 9.46 12.42 -4.59
N ILE C 79 8.22 12.36 -5.14
CA ILE C 79 8.01 12.64 -6.56
C ILE C 79 8.39 14.08 -6.87
N GLU C 80 8.05 15.02 -5.98
CA GLU C 80 8.41 16.44 -6.18
C GLU C 80 9.94 16.56 -6.19
N LYS C 81 10.59 15.95 -5.19
CA LYS C 81 12.06 15.99 -5.09
C LYS C 81 12.72 15.40 -6.36
N PHE C 82 12.26 14.22 -6.80
CA PHE C 82 12.89 13.53 -7.93
C PHE C 82 12.42 14.02 -9.31
N SER C 83 11.59 15.07 -9.36
N SER C 83 11.58 15.07 -9.37
CA SER C 83 11.24 15.69 -10.65
CA SER C 83 11.24 15.68 -10.65
C SER C 83 12.45 16.52 -11.19
C SER C 83 12.47 16.48 -11.20
N ASN C 84 13.42 16.84 -10.30
CA ASN C 84 14.66 17.56 -10.59
C ASN C 84 15.75 16.49 -10.79
N ARG C 85 16.31 16.48 -11.98
CA ARG C 85 17.34 15.53 -12.36
C ARG C 85 18.55 15.51 -11.41
N SER C 86 19.01 16.67 -10.95
CA SER C 86 20.19 16.73 -10.08
C SER C 86 19.97 16.05 -8.72
N ASN C 87 18.71 16.06 -8.23
CA ASN C 87 18.39 15.37 -6.99
C ASN C 87 18.48 13.86 -7.20
N ILE C 88 18.06 13.37 -8.40
CA ILE C 88 18.21 11.97 -8.73
C ILE C 88 19.69 11.61 -8.76
N CYS C 89 20.52 12.42 -9.43
N CYS C 89 20.53 12.44 -9.42
CA CYS C 89 21.96 12.18 -9.52
CA CYS C 89 21.99 12.25 -9.52
C CYS C 89 22.62 12.06 -8.14
C CYS C 89 22.62 12.06 -8.14
N ARG C 90 22.31 12.98 -7.22
CA ARG C 90 22.87 12.94 -5.86
C ARG C 90 22.43 11.67 -5.11
N PHE C 91 21.15 11.33 -5.23
CA PHE C 91 20.65 10.13 -4.60
C PHE C 91 21.35 8.87 -5.15
N LEU C 92 21.43 8.76 -6.49
CA LEU C 92 22.02 7.61 -7.16
C LEU C 92 23.50 7.46 -6.87
N THR C 93 24.22 8.57 -6.76
CA THR C 93 25.65 8.52 -6.45
C THR C 93 25.88 8.00 -5.03
N ALA C 94 24.99 8.36 -4.10
CA ALA C 94 25.09 7.89 -2.72
C ALA C 94 24.56 6.44 -2.51
N SER C 95 23.58 6.03 -3.31
CA SER C 95 22.93 4.72 -3.20
C SER C 95 23.74 3.55 -3.74
N GLN C 96 23.67 2.40 -3.07
CA GLN C 96 24.36 1.22 -3.56
C GLN C 96 23.43 0.33 -4.41
N ASP C 97 22.13 0.25 -4.06
CA ASP C 97 21.18 -0.56 -4.83
C ASP C 97 20.46 0.23 -5.95
N LYS C 98 20.55 1.58 -5.92
CA LYS C 98 19.97 2.49 -6.93
C LYS C 98 18.44 2.48 -6.96
N ILE C 99 17.79 1.99 -5.89
CA ILE C 99 16.32 1.97 -5.86
C ILE C 99 15.82 3.32 -5.31
N LEU C 100 15.27 4.15 -6.18
CA LEU C 100 14.86 5.50 -5.90
C LEU C 100 13.81 5.67 -4.80
N PHE C 101 12.78 4.82 -4.80
CA PHE C 101 11.69 4.94 -3.81
C PHE C 101 11.70 3.82 -2.80
N LYS C 102 12.88 3.24 -2.50
CA LYS C 102 12.95 2.11 -1.57
C LYS C 102 12.19 2.33 -0.24
N ASP C 103 12.48 3.44 0.45
CA ASP C 103 11.83 3.71 1.75
C ASP C 103 10.33 3.97 1.66
N VAL C 104 9.90 4.79 0.67
CA VAL C 104 8.48 5.07 0.44
C VAL C 104 7.74 3.77 0.09
N ASN C 105 8.34 2.91 -0.75
CA ASN C 105 7.70 1.66 -1.15
C ASN C 105 7.48 0.77 0.05
N ARG C 106 8.49 0.70 0.94
N ARG C 106 8.49 0.70 0.94
CA ARG C 106 8.40 -0.11 2.16
CA ARG C 106 8.44 -0.11 2.17
C ARG C 106 7.26 0.39 3.02
C ARG C 106 7.32 0.39 3.08
N LYS C 107 7.20 1.71 3.22
CA LYS C 107 6.17 2.31 4.06
C LYS C 107 4.79 2.13 3.47
N LEU C 108 4.62 2.32 2.16
CA LEU C 108 3.31 2.13 1.54
C LEU C 108 2.85 0.68 1.70
N SER C 109 3.77 -0.28 1.50
CA SER C 109 3.40 -1.68 1.62
C SER C 109 2.99 -2.00 3.06
N ASP C 110 3.79 -1.55 4.04
CA ASP C 110 3.50 -1.84 5.46
C ASP C 110 2.17 -1.21 5.91
N VAL C 111 1.96 0.06 5.57
N VAL C 111 1.93 0.09 5.58
CA VAL C 111 0.74 0.76 5.96
CA VAL C 111 0.68 0.72 6.02
C VAL C 111 -0.49 0.19 5.26
C VAL C 111 -0.52 0.18 5.26
N TRP C 112 -0.35 -0.24 3.99
CA TRP C 112 -1.45 -0.83 3.24
C TRP C 112 -1.84 -2.16 3.83
N LYS C 113 -0.88 -2.97 4.33
CA LYS C 113 -1.21 -4.27 4.95
C LYS C 113 -2.14 -4.06 6.13
N GLU C 114 -1.92 -3.01 6.91
CA GLU C 114 -2.78 -2.71 8.06
C GLU C 114 -4.18 -2.27 7.60
N LEU C 115 -4.23 -1.33 6.63
CA LEU C 115 -5.49 -0.82 6.13
C LEU C 115 -6.31 -1.89 5.43
N SER C 116 -5.68 -2.69 4.56
N SER C 116 -5.65 -2.70 4.60
CA SER C 116 -6.38 -3.74 3.84
CA SER C 116 -6.29 -3.78 3.86
C SER C 116 -6.94 -4.82 4.78
C SER C 116 -6.92 -4.80 4.80
N LEU C 117 -6.23 -5.12 5.88
CA LEU C 117 -6.75 -6.09 6.87
C LEU C 117 -8.02 -5.53 7.51
N LEU C 118 -8.01 -4.23 7.85
CA LEU C 118 -9.19 -3.59 8.45
C LEU C 118 -10.33 -3.51 7.45
N LEU C 119 -10.04 -3.23 6.18
CA LEU C 119 -11.10 -3.17 5.17
C LEU C 119 -11.69 -4.56 4.96
N GLN C 120 -10.87 -5.61 5.00
CA GLN C 120 -11.39 -6.96 4.83
C GLN C 120 -12.21 -7.37 6.06
N VAL C 121 -11.69 -7.16 7.29
CA VAL C 121 -12.39 -7.66 8.49
C VAL C 121 -13.54 -6.76 8.95
N GLU C 122 -13.40 -5.44 8.82
CA GLU C 122 -14.46 -4.55 9.27
C GLU C 122 -15.44 -4.20 8.20
N GLN C 123 -14.99 -4.04 6.95
CA GLN C 123 -15.90 -3.67 5.85
C GLN C 123 -16.23 -4.81 4.90
N ARG C 124 -15.63 -6.02 5.10
CA ARG C 124 -15.88 -7.16 4.23
C ARG C 124 -15.61 -6.88 2.73
N MET C 125 -14.53 -6.12 2.46
N MET C 125 -14.56 -6.10 2.42
CA MET C 125 -14.09 -5.79 1.10
CA MET C 125 -14.19 -5.79 1.04
C MET C 125 -13.16 -6.88 0.63
C MET C 125 -13.15 -6.81 0.59
N PRO C 126 -13.34 -7.44 -0.58
CA PRO C 126 -12.34 -8.42 -1.05
C PRO C 126 -11.13 -7.66 -1.61
N VAL C 127 -9.93 -7.92 -1.06
CA VAL C 127 -8.72 -7.24 -1.52
C VAL C 127 -7.72 -8.28 -2.10
N SER C 128 -7.08 -7.97 -3.26
CA SER C 128 -6.12 -8.83 -3.94
C SER C 128 -4.83 -8.95 -3.13
N PRO C 129 -4.25 -10.17 -3.04
CA PRO C 129 -3.00 -10.33 -2.27
C PRO C 129 -1.83 -9.50 -2.78
N GLY C 133 2.18 -6.87 -1.88
CA GLY C 133 3.51 -6.39 -2.25
C GLY C 133 4.61 -7.43 -2.20
N ALA C 134 4.24 -8.73 -2.25
CA ALA C 134 5.22 -9.83 -2.18
C ALA C 134 6.40 -9.71 -3.20
N SER C 135 6.06 -9.31 -4.43
CA SER C 135 7.05 -9.24 -5.48
C SER C 135 7.66 -7.85 -5.66
N TRP C 136 7.33 -6.86 -4.80
CA TRP C 136 7.83 -5.50 -5.00
C TRP C 136 9.34 -5.37 -4.98
N ALA C 137 10.05 -6.06 -4.06
CA ALA C 137 11.52 -5.92 -3.99
C ALA C 137 12.19 -6.43 -5.26
N GLN C 138 11.68 -7.54 -5.83
CA GLN C 138 12.23 -8.07 -7.06
C GLN C 138 11.97 -7.11 -8.22
N GLU C 139 10.74 -6.57 -8.30
CA GLU C 139 10.40 -5.62 -9.35
C GLU C 139 11.25 -4.37 -9.22
N ASP C 140 11.49 -3.91 -8.00
CA ASP C 140 12.30 -2.72 -7.76
C ASP C 140 13.73 -2.89 -8.23
N GLN C 141 14.31 -4.08 -8.02
CA GLN C 141 15.65 -4.43 -8.47
C GLN C 141 15.73 -4.30 -9.98
N GLN C 142 14.77 -4.90 -10.69
CA GLN C 142 14.70 -4.92 -12.15
C GLN C 142 14.51 -3.48 -12.69
N ASP C 143 13.55 -2.74 -12.09
CA ASP C 143 13.31 -1.36 -12.54
C ASP C 143 14.52 -0.48 -12.30
N ALA C 144 15.19 -0.62 -11.13
CA ALA C 144 16.35 0.20 -10.78
C ALA C 144 17.50 -0.04 -11.74
N ASP C 145 17.68 -1.30 -12.15
CA ASP C 145 18.72 -1.70 -13.11
C ASP C 145 18.45 -1.07 -14.46
N GLU C 146 17.18 -1.13 -14.94
CA GLU C 146 16.81 -0.57 -16.24
C GLU C 146 16.98 0.94 -16.24
N ASP C 147 16.50 1.60 -15.17
CA ASP C 147 16.62 3.06 -15.08
C ASP C 147 18.06 3.49 -14.97
N ARG C 148 18.89 2.70 -14.27
CA ARG C 148 20.32 2.98 -14.11
C ARG C 148 20.99 2.91 -15.47
N ARG C 149 20.64 1.91 -16.30
CA ARG C 149 21.24 1.79 -17.63
C ARG C 149 20.82 2.93 -18.61
N ALA C 150 19.68 3.58 -18.35
CA ALA C 150 19.21 4.69 -19.16
C ALA C 150 19.72 6.06 -18.63
N PHE C 151 19.89 6.21 -17.32
CA PHE C 151 20.31 7.47 -16.69
C PHE C 151 21.79 7.77 -16.92
CL CL D . -4.98 2.12 22.95
CL CL E . -23.78 -24.77 -2.95
BR BR F . -12.11 7.71 7.50
CL CL G . 16.33 8.30 -17.36
#